data_7Z3X
#
_entry.id   7Z3X
#
_cell.length_a   55.613
_cell.length_b   70.386
_cell.length_c   107.353
_cell.angle_alpha   90.00
_cell.angle_beta   90.00
_cell.angle_gamma   90.00
#
_symmetry.space_group_name_H-M   'P 21 21 21'
#
loop_
_entity.id
_entity.type
_entity.pdbx_description
1 polymer 'Poly(U)-binding-splicing factor PUF60'
2 polymer "DNA (5'-D(P*GP*TP*())-3')"
3 polymer "DNA (5'-D(*TP*TP*T)-3')"
4 non-polymer 1,2-ETHANEDIOL
5 water water
#
loop_
_entity_poly.entity_id
_entity_poly.type
_entity_poly.pdbx_seq_one_letter_code
_entity_poly.pdbx_strand_id
1 'polypeptide(L)'
;SMLQSMAAQRQRALAIMCRVFVGSIYYELGEDTIRQAFAPFGPIKSIDMSWDSVTMKHKGFAFVEYEVPEAAQLALEQMN
SVMLGGRNIKVGRPSNIGQAQPIIDQLAEEARAFNRIYVASVHQDLSDDDIKSVFEAFGKIKSCTLARDPTTGKHKGYGF
IEYEKAQSSQDAVSSMNLFDLGGQYLRVGKAVTPPMP
;
A,B
2 'polydeoxyribonucleotide' (DG)(DT)(DT) D
3 'polydeoxyribonucleotide' (DT)(DT)(DT) E
#
# COMPACT_ATOMS: atom_id res chain seq x y z
N LEU A 3 -1.30 -6.82 24.41
CA LEU A 3 -1.05 -5.52 25.03
C LEU A 3 0.37 -5.04 24.73
N GLN A 4 1.34 -5.43 25.55
CA GLN A 4 2.74 -5.27 25.14
C GLN A 4 3.06 -6.20 23.98
N SER A 5 2.36 -7.34 23.89
CA SER A 5 2.52 -8.20 22.72
CA SER A 5 2.51 -8.21 22.72
C SER A 5 1.98 -7.52 21.46
N MET A 6 0.81 -6.89 21.56
CA MET A 6 0.31 -6.14 20.41
C MET A 6 1.27 -5.02 20.04
N ALA A 7 1.93 -4.43 21.04
CA ALA A 7 2.86 -3.34 20.75
C ALA A 7 4.04 -3.85 19.94
N ALA A 8 4.58 -5.03 20.30
CA ALA A 8 5.70 -5.60 19.57
C ALA A 8 5.30 -5.94 18.15
N GLN A 9 4.11 -6.52 17.96
CA GLN A 9 3.65 -6.83 16.61
C GLN A 9 3.53 -5.56 15.78
N ARG A 10 2.99 -4.50 16.38
CA ARG A 10 2.85 -3.24 15.66
C ARG A 10 4.21 -2.64 15.34
N GLN A 11 5.17 -2.74 16.27
CA GLN A 11 6.47 -2.13 15.98
C GLN A 11 7.16 -2.84 14.84
N ARG A 12 7.00 -4.16 14.75
CA ARG A 12 7.57 -4.90 13.63
C ARG A 12 6.95 -4.45 12.32
N ALA A 13 5.63 -4.31 12.30
CA ALA A 13 4.98 -3.83 11.08
C ALA A 13 5.47 -2.42 10.74
N LEU A 14 5.56 -1.56 11.75
CA LEU A 14 5.97 -0.18 11.49
C LEU A 14 7.39 -0.11 10.94
N ALA A 15 8.28 -0.99 11.43
CA ALA A 15 9.63 -1.00 10.88
C ALA A 15 9.60 -1.25 9.38
N ILE A 16 8.77 -2.18 8.94
CA ILE A 16 8.64 -2.49 7.51
C ILE A 16 8.05 -1.29 6.77
N MET A 17 7.08 -0.64 7.37
CA MET A 17 6.29 0.41 6.73
C MET A 17 7.10 1.70 6.57
N CYS A 18 8.16 1.86 7.35
CA CYS A 18 8.95 3.10 7.35
C CYS A 18 10.05 3.11 6.30
N ARG A 19 10.17 2.05 5.50
CA ARG A 19 11.25 1.93 4.55
C ARG A 19 10.73 2.12 3.13
N VAL A 20 11.50 2.81 2.28
CA VAL A 20 11.14 2.91 0.86
C VAL A 20 12.31 2.42 0.04
N PHE A 21 11.98 1.82 -1.11
CA PHE A 21 12.93 1.49 -2.16
C PHE A 21 13.07 2.69 -3.09
N VAL A 22 14.32 3.07 -3.39
CA VAL A 22 14.59 4.15 -4.33
C VAL A 22 15.39 3.53 -5.45
N GLY A 23 14.82 3.52 -6.67
CA GLY A 23 15.49 2.96 -7.82
C GLY A 23 15.78 4.02 -8.87
N SER A 24 16.51 3.59 -9.90
CA SER A 24 16.88 4.46 -11.03
C SER A 24 17.66 5.67 -10.53
N ILE A 25 18.56 5.42 -9.58
CA ILE A 25 19.45 6.45 -9.06
C ILE A 25 20.58 6.66 -10.07
N TYR A 26 20.66 7.87 -10.63
CA TYR A 26 21.70 8.28 -11.56
C TYR A 26 23.09 8.06 -10.95
N TYR A 27 24.05 7.66 -11.78
CA TYR A 27 25.34 7.23 -11.26
C TYR A 27 26.08 8.35 -10.55
N GLU A 28 25.77 9.62 -10.84
CA GLU A 28 26.46 10.70 -10.16
C GLU A 28 26.06 10.82 -8.71
N LEU A 29 24.86 10.35 -8.38
CA LEU A 29 24.39 10.49 -7.01
C LEU A 29 25.04 9.48 -6.08
N GLY A 30 25.25 9.91 -4.85
CA GLY A 30 25.67 9.03 -3.80
C GLY A 30 24.80 9.20 -2.57
N GLU A 31 25.26 8.65 -1.45
CA GLU A 31 24.47 8.67 -0.24
C GLU A 31 24.13 10.08 0.23
N ASP A 32 25.05 11.05 0.09
CA ASP A 32 24.73 12.35 0.67
C ASP A 32 23.63 13.02 -0.13
N THR A 33 23.63 12.83 -1.45
CA THR A 33 22.56 13.41 -2.26
C THR A 33 21.24 12.74 -1.96
N ILE A 34 21.23 11.40 -1.86
CA ILE A 34 20.00 10.71 -1.52
C ILE A 34 19.49 11.19 -0.17
N ARG A 35 20.39 11.33 0.80
CA ARG A 35 19.99 11.85 2.12
C ARG A 35 19.32 13.20 2.01
N GLN A 36 19.90 14.11 1.23
CA GLN A 36 19.33 15.46 1.16
C GLN A 36 18.02 15.45 0.39
N ALA A 37 17.88 14.56 -0.59
CA ALA A 37 16.65 14.50 -1.37
C ALA A 37 15.49 13.95 -0.56
N PHE A 38 15.76 13.05 0.39
CA PHE A 38 14.71 12.37 1.13
C PHE A 38 14.54 12.88 2.55
N ALA A 39 15.48 13.67 3.04
CA ALA A 39 15.30 14.27 4.36
C ALA A 39 14.07 15.19 4.51
N PRO A 40 13.57 15.89 3.49
CA PRO A 40 12.40 16.77 3.72
C PRO A 40 11.20 16.06 4.27
N PHE A 41 11.07 14.76 4.01
CA PHE A 41 9.84 14.05 4.37
C PHE A 41 9.87 13.52 5.79
N GLY A 42 11.02 13.59 6.45
CA GLY A 42 11.15 13.18 7.83
C GLY A 42 12.60 12.87 8.12
N PRO A 43 12.99 12.88 9.39
CA PRO A 43 14.38 12.56 9.71
C PRO A 43 14.71 11.13 9.29
N ILE A 44 15.83 10.98 8.63
CA ILE A 44 16.21 9.69 8.07
C ILE A 44 16.92 8.88 9.13
N LYS A 45 16.44 7.67 9.32
CA LYS A 45 16.98 6.80 10.33
C LYS A 45 18.18 6.03 9.79
N SER A 46 18.11 5.64 8.51
CA SER A 46 19.28 5.05 7.87
C SER A 46 19.08 5.09 6.36
N ILE A 47 20.19 4.98 5.64
CA ILE A 47 20.20 4.79 4.20
C ILE A 47 21.08 3.59 3.92
N ASP A 48 20.59 2.69 3.09
CA ASP A 48 21.34 1.52 2.66
C ASP A 48 21.53 1.65 1.15
N MET A 49 22.67 2.19 0.73
CA MET A 49 23.01 2.22 -0.69
C MET A 49 23.38 0.84 -1.20
N SER A 50 22.89 0.51 -2.39
CA SER A 50 23.41 -0.65 -3.09
C SER A 50 24.89 -0.42 -3.40
N TRP A 51 25.64 -1.51 -3.55
CA TRP A 51 27.08 -1.42 -3.73
C TRP A 51 27.55 -2.60 -4.55
N ASP A 52 28.43 -2.33 -5.50
CA ASP A 52 29.09 -3.35 -6.29
C ASP A 52 30.55 -3.36 -5.90
N SER A 53 31.03 -4.50 -5.38
CA SER A 53 32.41 -4.59 -4.91
C SER A 53 33.40 -4.62 -6.07
N VAL A 54 32.97 -5.08 -7.24
CA VAL A 54 33.88 -5.10 -8.39
C VAL A 54 33.90 -3.74 -9.07
N THR A 55 32.73 -3.13 -9.24
CA THR A 55 32.63 -1.83 -9.89
C THR A 55 32.95 -0.68 -8.93
N MET A 56 32.96 -0.93 -7.62
CA MET A 56 33.18 0.10 -6.60
C MET A 56 32.16 1.23 -6.71
N LYS A 57 30.93 0.91 -7.10
CA LYS A 57 29.90 1.91 -7.34
C LYS A 57 28.56 1.34 -6.89
N HIS A 58 27.58 2.24 -6.69
CA HIS A 58 26.25 1.73 -6.38
C HIS A 58 25.61 1.13 -7.65
N LYS A 59 24.50 0.41 -7.43
CA LYS A 59 23.82 -0.30 -8.50
C LYS A 59 22.48 0.34 -8.86
N GLY A 60 22.36 1.64 -8.64
CA GLY A 60 21.18 2.36 -9.06
C GLY A 60 20.04 2.33 -8.08
N PHE A 61 20.22 1.74 -6.90
CA PHE A 61 19.11 1.71 -5.96
C PHE A 61 19.62 1.82 -4.53
N ALA A 62 18.67 2.06 -3.62
CA ALA A 62 18.95 2.26 -2.20
C ALA A 62 17.66 2.05 -1.43
N PHE A 63 17.81 1.89 -0.12
CA PHE A 63 16.67 1.88 0.79
C PHE A 63 16.81 3.05 1.73
N VAL A 64 15.73 3.81 1.90
CA VAL A 64 15.68 4.90 2.85
C VAL A 64 14.74 4.50 3.98
N GLU A 65 15.21 4.64 5.21
CA GLU A 65 14.43 4.27 6.39
C GLU A 65 14.08 5.50 7.21
N TYR A 66 12.78 5.72 7.42
CA TYR A 66 12.29 6.82 8.23
C TYR A 66 11.90 6.34 9.64
N GLU A 67 11.44 7.28 10.46
CA GLU A 67 11.04 7.01 11.83
C GLU A 67 9.55 6.76 12.01
N VAL A 68 8.71 7.28 11.12
CA VAL A 68 7.26 7.04 11.15
C VAL A 68 6.80 6.70 9.73
N PRO A 69 5.74 5.92 9.57
CA PRO A 69 5.34 5.48 8.23
C PRO A 69 4.82 6.60 7.36
N GLU A 70 4.33 7.68 7.97
CA GLU A 70 3.84 8.81 7.21
C GLU A 70 4.94 9.42 6.36
N ALA A 71 6.18 9.40 6.85
CA ALA A 71 7.29 9.94 6.07
C ALA A 71 7.54 9.10 4.84
N ALA A 72 7.45 7.76 5.01
CA ALA A 72 7.65 6.90 3.86
C ALA A 72 6.54 7.10 2.85
N GLN A 73 5.28 7.16 3.32
CA GLN A 73 4.15 7.43 2.44
C GLN A 73 4.38 8.73 1.67
N LEU A 74 4.83 9.76 2.37
CA LEU A 74 4.97 11.07 1.73
C LEU A 74 6.06 11.04 0.68
N ALA A 75 7.18 10.40 1.02
CA ALA A 75 8.26 10.22 0.05
C ALA A 75 7.77 9.44 -1.16
N LEU A 76 7.00 8.39 -0.94
CA LEU A 76 6.46 7.65 -2.08
C LEU A 76 5.61 8.55 -2.96
N GLU A 77 4.77 9.39 -2.34
CA GLU A 77 3.86 10.25 -3.08
C GLU A 77 4.61 11.34 -3.84
N GLN A 78 5.56 11.96 -3.17
CA GLN A 78 6.13 13.19 -3.67
C GLN A 78 7.43 12.99 -4.42
N MET A 79 8.14 11.87 -4.22
CA MET A 79 9.42 11.68 -4.90
C MET A 79 9.39 10.69 -6.02
N ASN A 80 8.37 9.85 -6.13
CA ASN A 80 8.33 8.95 -7.26
C ASN A 80 8.35 9.74 -8.57
N SER A 81 9.28 9.36 -9.46
CA SER A 81 9.51 9.92 -10.80
C SER A 81 10.16 11.31 -10.78
N VAL A 82 10.61 11.80 -9.63
CA VAL A 82 11.34 13.06 -9.58
C VAL A 82 12.69 12.90 -10.28
N MET A 83 13.08 13.92 -11.04
CA MET A 83 14.38 13.98 -11.69
C MET A 83 15.45 14.25 -10.65
N LEU A 84 16.26 13.24 -10.31
CA LEU A 84 17.44 13.46 -9.49
C LEU A 84 18.67 13.28 -10.37
N GLY A 85 19.48 14.32 -10.47
CA GLY A 85 20.55 14.27 -11.45
C GLY A 85 19.93 14.12 -12.82
N GLY A 86 20.46 13.19 -13.61
CA GLY A 86 19.98 13.00 -14.96
C GLY A 86 18.90 11.96 -15.17
N ARG A 87 18.29 11.43 -14.10
CA ARG A 87 17.33 10.35 -14.26
C ARG A 87 16.15 10.54 -13.32
N ASN A 88 14.95 10.24 -13.83
CA ASN A 88 13.76 10.18 -12.99
C ASN A 88 13.84 8.96 -12.06
N ILE A 89 13.76 9.17 -10.75
CA ILE A 89 13.88 8.05 -9.84
C ILE A 89 12.55 7.32 -9.72
N LYS A 90 12.63 6.10 -9.22
CA LYS A 90 11.46 5.32 -8.86
C LYS A 90 11.47 5.17 -7.35
N VAL A 91 10.34 5.43 -6.71
CA VAL A 91 10.24 5.24 -5.28
C VAL A 91 9.10 4.27 -5.05
N GLY A 92 9.39 3.18 -4.35
CA GLY A 92 8.44 2.11 -4.23
C GLY A 92 8.46 1.52 -2.84
N ARG A 93 7.56 0.58 -2.61
CA ARG A 93 7.55 -0.12 -1.36
C ARG A 93 8.69 -1.14 -1.30
N PRO A 94 9.18 -1.43 -0.11
CA PRO A 94 10.12 -2.56 0.04
C PRO A 94 9.43 -3.86 -0.31
N SER A 95 10.21 -4.82 -0.80
CA SER A 95 9.64 -6.06 -1.30
C SER A 95 8.93 -6.84 -0.20
N ASN A 96 9.22 -6.55 1.06
CA ASN A 96 8.59 -7.24 2.18
C ASN A 96 7.43 -6.46 2.78
N ILE A 97 6.91 -5.45 2.06
CA ILE A 97 5.86 -4.61 2.64
C ILE A 97 4.63 -5.44 3.00
N GLY A 98 4.37 -6.52 2.27
CA GLY A 98 3.23 -7.37 2.57
C GLY A 98 3.29 -7.98 3.95
N GLN A 99 4.49 -8.08 4.52
CA GLN A 99 4.63 -8.62 5.86
C GLN A 99 4.10 -7.68 6.93
N ALA A 100 3.79 -6.43 6.58
CA ALA A 100 3.14 -5.54 7.53
C ALA A 100 1.63 -5.74 7.61
N GLN A 101 1.07 -6.62 6.76
CA GLN A 101 -0.33 -6.97 6.89
C GLN A 101 -0.51 -7.93 8.07
N PRO A 102 -1.64 -7.86 8.77
CA PRO A 102 -2.78 -6.98 8.59
C PRO A 102 -2.62 -5.67 9.33
N ILE A 103 -1.55 -5.50 10.10
CA ILE A 103 -1.46 -4.31 10.96
C ILE A 103 -1.50 -3.04 10.12
N ILE A 104 -0.89 -3.04 8.93
CA ILE A 104 -0.88 -1.84 8.10
C ILE A 104 -2.32 -1.35 7.84
N ASP A 105 -3.24 -2.26 7.56
CA ASP A 105 -4.63 -1.90 7.32
C ASP A 105 -5.36 -1.55 8.61
N GLN A 106 -5.03 -2.26 9.68
CA GLN A 106 -5.66 -1.97 10.96
C GLN A 106 -5.32 -0.57 11.41
N LEU A 107 -4.06 -0.17 11.25
CA LEU A 107 -3.66 1.20 11.60
C LEU A 107 -4.40 2.23 10.78
N ALA A 108 -4.54 1.99 9.48
CA ALA A 108 -5.28 2.94 8.64
C ALA A 108 -6.74 3.02 9.08
N GLU A 109 -7.34 1.89 9.43
CA GLU A 109 -8.73 1.93 9.85
C GLU A 109 -8.88 2.72 11.13
N GLU A 110 -7.94 2.53 12.07
CA GLU A 110 -7.93 3.32 13.30
C GLU A 110 -7.72 4.80 13.00
N ALA A 111 -6.87 5.11 12.03
CA ALA A 111 -6.61 6.49 11.67
C ALA A 111 -7.84 7.18 11.09
N ARG A 112 -8.72 6.42 10.42
CA ARG A 112 -9.92 7.02 9.84
C ARG A 112 -10.81 7.68 10.88
N ALA A 113 -10.67 7.29 12.15
CA ALA A 113 -11.47 7.88 13.21
C ALA A 113 -11.02 9.29 13.56
N PHE A 114 -9.90 9.75 13.01
CA PHE A 114 -9.33 11.05 13.36
C PHE A 114 -9.07 11.88 12.12
N ASN A 115 -9.01 13.19 12.30
CA ASN A 115 -8.68 14.10 11.21
C ASN A 115 -7.26 14.59 11.40
N ARG A 116 -6.31 13.70 11.12
CA ARG A 116 -4.94 13.91 11.55
C ARG A 116 -4.05 14.05 10.32
N ILE A 117 -3.13 14.98 10.38
CA ILE A 117 -2.14 15.17 9.32
C ILE A 117 -0.75 15.10 9.91
N TYR A 118 0.20 14.88 9.03
CA TYR A 118 1.62 14.76 9.33
C TYR A 118 2.33 15.94 8.73
N VAL A 119 3.22 16.56 9.49
CA VAL A 119 3.99 17.71 9.03
C VAL A 119 5.46 17.43 9.28
N ALA A 120 6.27 17.57 8.22
CA ALA A 120 7.71 17.39 8.31
C ALA A 120 8.42 18.65 7.83
N SER A 121 9.74 18.62 7.99
CA SER A 121 10.63 19.75 7.70
C SER A 121 10.31 20.93 8.62
N VAL A 122 10.00 20.63 9.88
CA VAL A 122 9.73 21.65 10.90
C VAL A 122 11.04 22.11 11.52
N HIS A 123 11.29 23.41 11.48
CA HIS A 123 12.56 23.95 11.89
C HIS A 123 12.77 23.74 13.39
N GLN A 124 14.02 23.43 13.77
CA GLN A 124 14.36 23.08 15.15
C GLN A 124 14.07 24.20 16.14
N ASP A 125 13.84 25.42 15.67
CA ASP A 125 13.64 26.57 16.56
C ASP A 125 12.18 26.82 16.86
N LEU A 126 11.28 26.09 16.22
CA LEU A 126 9.86 26.23 16.39
C LEU A 126 9.36 25.22 17.42
N SER A 127 8.27 25.57 18.10
CA SER A 127 7.67 24.64 19.02
C SER A 127 6.23 24.39 18.63
N ASP A 128 5.55 23.56 19.43
CA ASP A 128 4.22 23.07 19.06
C ASP A 128 3.23 24.22 18.88
N ASP A 129 3.32 25.25 19.72
CA ASP A 129 2.32 26.32 19.61
C ASP A 129 2.59 27.20 18.39
N ASP A 130 3.84 27.32 17.97
CA ASP A 130 4.14 27.99 16.70
C ASP A 130 3.46 27.28 15.55
N ILE A 131 3.56 25.96 15.52
CA ILE A 131 2.98 25.19 14.42
C ILE A 131 1.46 25.27 14.48
N LYS A 132 0.90 25.15 15.69
CA LYS A 132 -0.54 25.25 15.86
C LYS A 132 -1.07 26.57 15.34
N SER A 133 -0.38 27.66 15.65
CA SER A 133 -0.84 28.97 15.21
C SER A 133 -0.93 29.04 13.70
N VAL A 134 0.09 28.53 13.00
CA VAL A 134 0.10 28.58 11.54
C VAL A 134 -1.01 27.73 10.97
N PHE A 135 -1.18 26.53 11.50
CA PHE A 135 -2.13 25.59 10.90
C PHE A 135 -3.56 25.81 11.34
N GLU A 136 -3.80 26.54 12.43
CA GLU A 136 -5.21 26.74 12.72
C GLU A 136 -5.87 27.72 11.75
N ALA A 137 -5.12 28.25 10.78
CA ALA A 137 -5.76 28.98 9.68
C ALA A 137 -6.83 28.12 9.00
N PHE A 138 -6.64 26.81 8.96
CA PHE A 138 -7.55 25.95 8.23
C PHE A 138 -8.69 25.41 9.08
N GLY A 139 -8.75 25.77 10.36
CA GLY A 139 -9.80 25.28 11.23
C GLY A 139 -9.33 24.92 12.62
N LYS A 140 -10.27 24.65 13.53
CA LYS A 140 -9.94 24.37 14.92
C LYS A 140 -9.09 23.11 15.03
N ILE A 141 -8.05 23.21 15.84
CA ILE A 141 -7.09 22.14 16.09
C ILE A 141 -7.36 21.53 17.47
N LYS A 142 -7.51 20.20 17.51
CA LYS A 142 -7.62 19.46 18.75
C LYS A 142 -6.27 19.17 19.38
N SER A 143 -5.23 18.98 18.56
CA SER A 143 -3.90 18.78 19.09
C SER A 143 -2.89 19.07 17.99
N CYS A 144 -1.71 19.52 18.42
CA CYS A 144 -0.62 19.81 17.48
C CYS A 144 0.67 19.45 18.22
N THR A 145 1.26 18.30 17.88
CA THR A 145 2.32 17.72 18.71
C THR A 145 3.55 17.42 17.87
N LEU A 146 4.67 18.04 18.22
CA LEU A 146 5.94 17.69 17.61
C LEU A 146 6.57 16.50 18.34
N ALA A 147 7.09 15.56 17.56
CA ALA A 147 7.75 14.40 18.13
C ALA A 147 9.04 14.82 18.81
N ARG A 148 9.28 14.31 20.01
CA ARG A 148 10.41 14.77 20.81
C ARG A 148 11.28 13.59 21.24
N ASP A 149 12.56 13.85 21.35
CA ASP A 149 13.45 12.81 21.82
C ASP A 149 13.39 12.80 23.33
N PRO A 150 13.24 11.64 23.97
CA PRO A 150 13.26 11.61 25.44
C PRO A 150 14.45 12.35 26.05
N THR A 151 15.67 12.08 25.59
CA THR A 151 16.83 12.87 26.00
C THR A 151 16.80 14.23 25.31
N THR A 152 17.29 15.24 26.01
CA THR A 152 17.26 16.63 25.53
C THR A 152 15.84 17.18 25.46
N GLY A 153 14.85 16.33 25.16
CA GLY A 153 13.51 16.84 24.95
C GLY A 153 13.35 17.70 23.73
N LYS A 154 14.32 17.67 22.82
CA LYS A 154 14.24 18.44 21.60
C LYS A 154 13.37 17.73 20.58
N HIS A 155 12.71 18.50 19.73
CA HIS A 155 11.80 17.88 18.78
C HIS A 155 12.58 17.43 17.54
N LYS A 156 12.00 16.44 16.84
CA LYS A 156 12.69 15.73 15.76
C LYS A 156 12.40 16.30 14.37
N GLY A 157 11.76 17.46 14.26
CA GLY A 157 11.53 18.03 12.96
C GLY A 157 10.23 17.63 12.30
N TYR A 158 9.34 16.98 13.03
CA TYR A 158 8.09 16.57 12.46
C TYR A 158 7.06 16.47 13.57
N GLY A 159 5.81 16.37 13.17
CA GLY A 159 4.78 16.22 14.17
C GLY A 159 3.45 15.88 13.52
N PHE A 160 2.41 15.85 14.35
CA PHE A 160 1.08 15.53 13.89
C PHE A 160 0.10 16.58 14.39
N ILE A 161 -0.87 16.90 13.55
CA ILE A 161 -1.93 17.83 13.90
C ILE A 161 -3.26 17.12 13.73
N GLU A 162 -4.12 17.21 14.74
CA GLU A 162 -5.47 16.67 14.64
C GLU A 162 -6.44 17.84 14.59
N TYR A 163 -7.23 17.90 13.53
CA TYR A 163 -8.27 18.92 13.40
C TYR A 163 -9.61 18.39 13.90
N GLU A 164 -10.48 19.30 14.34
CA GLU A 164 -11.84 18.89 14.71
C GLU A 164 -12.61 18.36 13.51
N LYS A 165 -12.40 18.97 12.33
CA LYS A 165 -13.20 18.65 11.16
C LYS A 165 -12.33 18.12 10.03
N ALA A 166 -12.87 17.13 9.32
CA ALA A 166 -12.14 16.54 8.20
C ALA A 166 -11.87 17.56 7.11
N GLN A 167 -12.80 18.49 6.88
CA GLN A 167 -12.60 19.53 5.89
C GLN A 167 -11.31 20.30 6.17
N SER A 168 -11.04 20.57 7.44
CA SER A 168 -9.88 21.37 7.81
C SER A 168 -8.58 20.61 7.55
N SER A 169 -8.52 19.34 7.95
CA SER A 169 -7.30 18.58 7.71
C SER A 169 -7.07 18.38 6.21
N GLN A 170 -8.15 18.18 5.45
CA GLN A 170 -8.03 18.10 3.99
C GLN A 170 -7.48 19.40 3.42
N ASP A 171 -8.05 20.54 3.83
CA ASP A 171 -7.55 21.81 3.31
C ASP A 171 -6.10 22.05 3.68
N ALA A 172 -5.69 21.68 4.90
CA ALA A 172 -4.30 21.90 5.29
C ALA A 172 -3.36 21.09 4.41
N VAL A 173 -3.71 19.84 4.16
CA VAL A 173 -2.87 18.98 3.32
C VAL A 173 -2.81 19.51 1.89
N SER A 174 -3.95 20.00 1.37
CA SER A 174 -4.00 20.50 0.01
C SER A 174 -3.22 21.79 -0.14
N SER A 175 -3.05 22.55 0.93
CA SER A 175 -2.57 23.92 0.87
C SER A 175 -1.12 24.12 1.29
N MET A 176 -0.65 23.39 2.29
CA MET A 176 0.57 23.73 3.02
C MET A 176 1.86 23.08 2.54
N ASN A 177 1.84 22.21 1.57
CA ASN A 177 3.11 21.68 1.11
CA ASN A 177 3.10 21.66 1.09
C ASN A 177 3.96 22.78 0.52
N LEU A 178 5.23 22.81 0.93
CA LEU A 178 6.24 23.80 0.58
C LEU A 178 6.00 25.17 1.21
N PHE A 179 5.11 25.27 2.19
CA PHE A 179 4.99 26.49 2.99
C PHE A 179 6.34 26.81 3.63
N ASP A 180 6.77 28.07 3.53
CA ASP A 180 8.06 28.48 4.07
C ASP A 180 7.90 28.81 5.55
N LEU A 181 8.48 27.97 6.41
CA LEU A 181 8.44 28.25 7.84
C LEU A 181 9.88 28.18 8.35
N GLY A 182 10.45 29.34 8.64
CA GLY A 182 11.80 29.41 9.16
C GLY A 182 12.87 29.06 8.15
N GLY A 183 12.62 29.25 6.87
CA GLY A 183 13.57 28.89 5.85
C GLY A 183 13.57 27.43 5.46
N GLN A 184 12.70 26.62 6.05
CA GLN A 184 12.46 25.26 5.61
C GLN A 184 11.07 25.19 4.99
N TYR A 185 10.94 24.32 3.99
CA TYR A 185 9.71 24.18 3.23
C TYR A 185 8.97 22.96 3.72
N LEU A 186 7.80 23.19 4.31
CA LEU A 186 7.07 22.11 4.98
C LEU A 186 6.68 21.05 3.98
N ARG A 187 6.65 19.80 4.45
CA ARG A 187 6.07 18.70 3.70
C ARG A 187 4.89 18.22 4.54
N VAL A 188 3.72 18.07 3.93
CA VAL A 188 2.49 17.84 4.67
CA VAL A 188 2.51 17.81 4.69
C VAL A 188 1.75 16.70 4.00
N GLY A 189 1.27 15.75 4.80
CA GLY A 189 0.51 14.65 4.24
C GLY A 189 -0.50 14.15 5.25
N LYS A 190 -1.28 13.16 4.83
CA LYS A 190 -2.25 12.55 5.73
C LYS A 190 -1.54 11.60 6.69
N ALA A 191 -2.11 11.45 7.88
CA ALA A 191 -1.64 10.41 8.76
C ALA A 191 -2.19 9.07 8.30
N VAL A 192 -1.41 8.01 8.54
CA VAL A 192 -1.81 6.65 8.24
C VAL A 192 -1.89 5.81 9.50
N THR A 193 -1.73 6.44 10.67
CA THR A 193 -1.78 5.79 11.95
C THR A 193 -2.62 6.65 12.89
N PRO A 194 -3.25 6.06 13.89
CA PRO A 194 -4.00 6.83 14.86
C PRO A 194 -3.04 7.48 15.83
N PRO A 195 -3.50 8.50 16.57
CA PRO A 195 -2.65 9.02 17.65
C PRO A 195 -2.33 7.92 18.62
N MET A 196 -3.34 7.16 18.97
CA MET A 196 -3.20 6.05 19.90
C MET A 196 -4.03 4.92 19.32
N PRO A 197 -3.45 3.74 19.09
CA PRO A 197 -4.18 2.53 18.68
C PRO A 197 -5.19 2.02 19.71
N LEU B 3 -16.83 -25.67 -29.73
CA LEU B 3 -16.86 -24.39 -29.06
C LEU B 3 -17.35 -24.55 -27.60
N GLN B 4 -18.18 -25.56 -27.36
CA GLN B 4 -18.70 -25.79 -26.01
C GLN B 4 -17.61 -26.35 -25.10
N SER B 5 -16.85 -27.34 -25.58
CA SER B 5 -15.81 -27.93 -24.74
C SER B 5 -14.66 -26.96 -24.50
N MET B 6 -14.34 -26.12 -25.49
CA MET B 6 -13.32 -25.09 -25.27
C MET B 6 -13.76 -24.10 -24.20
N ALA B 7 -15.01 -23.65 -24.26
CA ALA B 7 -15.50 -22.70 -23.28
C ALA B 7 -15.56 -23.32 -21.89
N ALA B 8 -15.83 -24.62 -21.81
CA ALA B 8 -15.82 -25.30 -20.53
C ALA B 8 -14.40 -25.42 -19.98
N GLN B 9 -13.43 -25.74 -20.84
CA GLN B 9 -12.04 -25.77 -20.39
C GLN B 9 -11.59 -24.39 -19.93
N ARG B 10 -12.00 -23.35 -20.66
CA ARG B 10 -11.67 -21.98 -20.27
C ARG B 10 -12.34 -21.63 -18.95
N GLN B 11 -13.63 -21.92 -18.81
CA GLN B 11 -14.33 -21.62 -17.56
C GLN B 11 -13.72 -22.36 -16.39
N ARG B 12 -13.34 -23.63 -16.59
CA ARG B 12 -12.69 -24.38 -15.52
C ARG B 12 -11.35 -23.76 -15.15
N ALA B 13 -10.59 -23.31 -16.15
CA ALA B 13 -9.32 -22.65 -15.85
C ALA B 13 -9.53 -21.36 -15.08
N LEU B 14 -10.50 -20.53 -15.51
CA LEU B 14 -10.73 -19.27 -14.79
C LEU B 14 -11.22 -19.51 -13.37
N ALA B 15 -12.00 -20.57 -13.17
CA ALA B 15 -12.47 -20.92 -11.83
C ALA B 15 -11.28 -21.21 -10.92
N ILE B 16 -10.36 -22.05 -11.38
CA ILE B 16 -9.14 -22.31 -10.63
C ILE B 16 -8.38 -21.02 -10.37
N MET B 17 -8.37 -20.12 -11.35
CA MET B 17 -7.62 -18.89 -11.27
C MET B 17 -8.18 -17.96 -10.21
N CYS B 18 -9.41 -18.19 -9.77
CA CYS B 18 -10.04 -17.36 -8.75
C CYS B 18 -9.83 -17.89 -7.35
N ARG B 19 -9.20 -19.05 -7.20
CA ARG B 19 -9.13 -19.73 -5.91
C ARG B 19 -7.70 -19.70 -5.39
N VAL B 20 -7.56 -19.54 -4.09
CA VAL B 20 -6.28 -19.45 -3.41
C VAL B 20 -6.29 -20.45 -2.26
N PHE B 21 -5.28 -21.30 -2.20
CA PHE B 21 -5.04 -22.14 -1.04
C PHE B 21 -4.38 -21.31 0.07
N VAL B 22 -4.90 -21.42 1.29
CA VAL B 22 -4.32 -20.76 2.46
C VAL B 22 -4.00 -21.84 3.48
N GLY B 23 -2.72 -22.00 3.83
CA GLY B 23 -2.27 -23.03 4.73
C GLY B 23 -1.63 -22.48 5.99
N SER B 24 -1.28 -23.41 6.89
CA SER B 24 -0.65 -23.07 8.17
C SER B 24 -1.48 -22.03 8.91
N ILE B 25 -2.78 -22.24 8.92
CA ILE B 25 -3.69 -21.42 9.71
C ILE B 25 -3.63 -21.90 11.15
N TYR B 26 -3.22 -21.02 12.06
CA TYR B 26 -3.16 -21.35 13.48
C TYR B 26 -4.51 -21.86 13.96
N TYR B 27 -4.47 -22.85 14.87
CA TYR B 27 -5.70 -23.52 15.25
C TYR B 27 -6.70 -22.58 15.92
N GLU B 28 -6.23 -21.51 16.56
CA GLU B 28 -7.14 -20.57 17.21
C GLU B 28 -7.85 -19.65 16.23
N LEU B 29 -7.36 -19.58 15.00
CA LEU B 29 -7.98 -18.75 13.99
C LEU B 29 -9.03 -19.55 13.25
N GLY B 30 -9.85 -18.84 12.51
CA GLY B 30 -10.79 -19.49 11.63
C GLY B 30 -11.21 -18.64 10.48
N GLU B 31 -12.42 -18.90 10.03
CA GLU B 31 -12.99 -18.29 8.84
C GLU B 31 -12.93 -16.77 8.88
N ASP B 32 -13.23 -16.17 10.03
CA ASP B 32 -13.34 -14.71 10.06
C ASP B 32 -11.97 -14.06 9.87
N THR B 33 -10.94 -14.58 10.54
CA THR B 33 -9.62 -14.01 10.34
C THR B 33 -9.19 -14.15 8.89
N ILE B 34 -9.47 -15.30 8.27
CA ILE B 34 -9.13 -15.49 6.85
C ILE B 34 -9.90 -14.48 6.00
N ARG B 35 -11.20 -14.33 6.25
CA ARG B 35 -11.99 -13.35 5.51
C ARG B 35 -11.39 -11.95 5.62
N GLN B 36 -11.10 -11.51 6.85
CA GLN B 36 -10.62 -10.14 7.01
CA GLN B 36 -10.62 -10.14 7.02
C GLN B 36 -9.26 -9.94 6.37
N ALA B 37 -8.40 -10.96 6.42
CA ALA B 37 -7.06 -10.84 5.87
C ALA B 37 -7.04 -10.91 4.35
N PHE B 38 -8.05 -11.54 3.74
CA PHE B 38 -8.07 -11.73 2.29
C PHE B 38 -9.07 -10.83 1.58
N ALA B 39 -9.99 -10.22 2.31
CA ALA B 39 -10.91 -9.27 1.69
C ALA B 39 -10.26 -8.07 1.01
N PRO B 40 -9.07 -7.57 1.41
CA PRO B 40 -8.52 -6.40 0.71
C PRO B 40 -8.26 -6.61 -0.77
N PHE B 41 -8.14 -7.85 -1.22
CA PHE B 41 -7.76 -8.07 -2.61
C PHE B 41 -8.95 -8.10 -3.55
N GLY B 42 -10.17 -8.14 -3.01
CA GLY B 42 -11.34 -8.08 -3.84
C GLY B 42 -12.48 -8.80 -3.14
N PRO B 43 -13.69 -8.74 -3.71
CA PRO B 43 -14.83 -9.43 -3.10
C PRO B 43 -14.64 -10.94 -3.06
N ILE B 44 -14.79 -11.50 -1.87
CA ILE B 44 -14.65 -12.93 -1.66
C ILE B 44 -15.97 -13.59 -2.02
N LYS B 45 -15.93 -14.54 -2.95
CA LYS B 45 -17.13 -15.29 -3.31
C LYS B 45 -17.42 -16.37 -2.29
N SER B 46 -16.38 -17.02 -1.77
CA SER B 46 -16.60 -18.02 -0.74
C SER B 46 -15.29 -18.30 -0.01
N ILE B 47 -15.42 -18.80 1.22
CA ILE B 47 -14.31 -19.39 1.95
C ILE B 47 -14.68 -20.83 2.22
N ASP B 48 -13.83 -21.75 1.79
CA ASP B 48 -14.04 -23.18 1.96
C ASP B 48 -13.05 -23.62 3.02
N MET B 49 -13.51 -23.70 4.26
CA MET B 49 -12.67 -24.07 5.39
C MET B 49 -12.37 -25.57 5.27
N SER B 50 -11.13 -25.98 5.50
CA SER B 50 -10.93 -27.41 5.70
C SER B 50 -11.65 -27.80 6.98
N TRP B 51 -12.10 -29.06 7.04
CA TRP B 51 -12.90 -29.47 8.18
C TRP B 51 -12.78 -30.97 8.39
N ASP B 52 -12.42 -31.33 9.62
CA ASP B 52 -12.46 -32.72 10.05
C ASP B 52 -13.82 -32.95 10.69
N SER B 53 -14.65 -33.78 10.05
CA SER B 53 -16.02 -33.96 10.54
C SER B 53 -16.10 -34.85 11.77
N VAL B 54 -15.01 -35.50 12.15
CA VAL B 54 -15.00 -36.33 13.36
C VAL B 54 -14.54 -35.52 14.57
N THR B 55 -13.40 -34.82 14.46
CA THR B 55 -12.89 -34.04 15.56
C THR B 55 -13.51 -32.66 15.63
N MET B 56 -14.26 -32.30 14.60
CA MET B 56 -14.93 -31.02 14.45
C MET B 56 -13.97 -29.85 14.66
N LYS B 57 -12.91 -29.82 13.84
CA LYS B 57 -12.05 -28.66 13.83
C LYS B 57 -11.46 -28.53 12.44
N HIS B 58 -10.93 -27.35 12.14
CA HIS B 58 -10.35 -27.22 10.82
C HIS B 58 -8.98 -27.90 10.77
N LYS B 59 -8.50 -28.10 9.56
CA LYS B 59 -7.26 -28.84 9.35
C LYS B 59 -6.07 -27.93 9.04
N GLY B 60 -6.18 -26.65 9.32
CA GLY B 60 -5.07 -25.74 9.14
C GLY B 60 -4.98 -25.11 7.78
N PHE B 61 -5.99 -25.34 6.93
CA PHE B 61 -6.01 -24.74 5.61
C PHE B 61 -7.43 -24.41 5.20
N ALA B 62 -7.53 -23.63 4.13
CA ALA B 62 -8.79 -23.19 3.58
C ALA B 62 -8.52 -22.79 2.14
N PHE B 63 -9.59 -22.66 1.37
CA PHE B 63 -9.53 -22.11 0.03
C PHE B 63 -10.37 -20.84 0.01
N VAL B 64 -9.80 -19.76 -0.50
CA VAL B 64 -10.53 -18.51 -0.67
C VAL B 64 -10.84 -18.36 -2.14
N GLU B 65 -12.11 -18.11 -2.46
CA GLU B 65 -12.56 -17.97 -3.84
C GLU B 65 -12.96 -16.53 -4.06
N TYR B 66 -12.31 -15.89 -5.04
CA TYR B 66 -12.63 -14.54 -5.43
C TYR B 66 -13.55 -14.54 -6.65
N GLU B 67 -14.10 -13.36 -6.92
CA GLU B 67 -14.97 -13.15 -8.06
C GLU B 67 -14.17 -12.94 -9.35
N VAL B 68 -12.96 -12.42 -9.26
CA VAL B 68 -12.15 -12.18 -10.46
C VAL B 68 -10.74 -12.72 -10.22
N PRO B 69 -10.06 -13.24 -11.25
CA PRO B 69 -8.77 -13.89 -11.02
C PRO B 69 -7.66 -12.93 -10.61
N GLU B 70 -7.75 -11.66 -11.00
CA GLU B 70 -6.75 -10.68 -10.57
C GLU B 70 -6.66 -10.61 -9.05
N ALA B 71 -7.80 -10.72 -8.36
CA ALA B 71 -7.79 -10.64 -6.90
C ALA B 71 -7.06 -11.82 -6.29
N ALA B 72 -7.31 -13.02 -6.82
CA ALA B 72 -6.59 -14.19 -6.32
C ALA B 72 -5.11 -14.06 -6.62
N GLN B 73 -4.77 -13.56 -7.81
CA GLN B 73 -3.38 -13.39 -8.18
C GLN B 73 -2.67 -12.45 -7.20
N LEU B 74 -3.34 -11.38 -6.84
CA LEU B 74 -2.75 -10.41 -5.91
CA LEU B 74 -2.68 -10.44 -5.94
C LEU B 74 -2.60 -11.01 -4.53
N ALA B 75 -3.64 -11.73 -4.08
CA ALA B 75 -3.54 -12.42 -2.79
C ALA B 75 -2.37 -13.40 -2.80
N LEU B 76 -2.21 -14.13 -3.91
CA LEU B 76 -1.11 -15.07 -4.03
C LEU B 76 0.24 -14.37 -3.89
N GLU B 77 0.37 -13.20 -4.51
CA GLU B 77 1.65 -12.51 -4.53
C GLU B 77 1.95 -11.76 -3.23
N GLN B 78 0.92 -11.35 -2.49
CA GLN B 78 1.15 -10.47 -1.35
CA GLN B 78 1.14 -10.46 -1.34
C GLN B 78 0.88 -11.10 0.01
N MET B 79 0.35 -12.31 0.06
CA MET B 79 -0.04 -12.89 1.33
C MET B 79 0.89 -13.99 1.84
N ASN B 80 1.94 -14.35 1.10
CA ASN B 80 2.88 -15.31 1.69
C ASN B 80 3.66 -14.61 2.78
N SER B 81 4.09 -15.38 3.77
CA SER B 81 4.86 -14.83 4.89
C SER B 81 4.09 -13.71 5.60
N VAL B 82 2.77 -13.80 5.61
CA VAL B 82 1.96 -12.95 6.45
C VAL B 82 1.67 -13.70 7.74
N MET B 83 1.96 -13.05 8.87
CA MET B 83 1.77 -13.66 10.18
C MET B 83 0.34 -13.44 10.64
N LEU B 84 -0.41 -14.53 10.85
CA LEU B 84 -1.72 -14.45 11.46
C LEU B 84 -1.73 -15.36 12.68
N GLY B 85 -2.19 -14.84 13.82
CA GLY B 85 -2.23 -15.65 15.02
C GLY B 85 -0.88 -16.16 15.43
N GLY B 86 0.18 -15.41 15.16
CA GLY B 86 1.51 -15.81 15.54
C GLY B 86 2.16 -16.81 14.61
N ARG B 87 1.56 -17.12 13.45
CA ARG B 87 2.14 -18.09 12.54
C ARG B 87 2.08 -17.57 11.11
N ASN B 88 3.17 -17.71 10.37
CA ASN B 88 3.16 -17.36 8.95
C ASN B 88 2.26 -18.30 8.19
N ILE B 89 1.32 -17.74 7.44
CA ILE B 89 0.48 -18.55 6.59
C ILE B 89 1.25 -18.90 5.32
N LYS B 90 0.75 -19.91 4.62
CA LYS B 90 1.23 -20.28 3.30
C LYS B 90 0.10 -20.02 2.31
N VAL B 91 0.41 -19.44 1.15
CA VAL B 91 -0.61 -19.25 0.13
CA VAL B 91 -0.57 -19.18 0.11
C VAL B 91 -0.09 -19.82 -1.18
N GLY B 92 -1.01 -20.45 -1.93
CA GLY B 92 -0.61 -21.10 -3.15
C GLY B 92 -1.79 -21.29 -4.08
N ARG B 93 -1.48 -21.70 -5.31
CA ARG B 93 -2.54 -22.08 -6.22
C ARG B 93 -3.09 -23.45 -5.83
N PRO B 94 -4.33 -23.76 -6.22
CA PRO B 94 -4.84 -25.12 -6.02
C PRO B 94 -3.92 -26.15 -6.66
N SER B 95 -3.84 -27.32 -6.01
CA SER B 95 -2.87 -28.36 -6.34
C SER B 95 -3.19 -29.08 -7.65
N ASN B 96 -4.47 -29.29 -7.96
CA ASN B 96 -4.84 -30.10 -9.11
C ASN B 96 -5.13 -29.19 -10.31
N ILE B 97 -4.05 -28.58 -10.82
CA ILE B 97 -4.15 -27.52 -11.81
C ILE B 97 -3.40 -27.85 -13.09
N GLY B 98 -3.11 -29.14 -13.31
CA GLY B 98 -2.32 -29.51 -14.47
C GLY B 98 -3.05 -29.29 -15.79
N GLN B 99 -4.31 -29.72 -15.85
CA GLN B 99 -5.10 -29.57 -17.07
C GLN B 99 -5.25 -28.11 -17.45
N ALA B 100 -5.36 -27.21 -16.47
CA ALA B 100 -5.69 -25.82 -16.75
C ALA B 100 -4.47 -24.94 -16.98
N GLN B 101 -3.28 -25.39 -16.59
CA GLN B 101 -2.12 -24.50 -16.60
C GLN B 101 -1.82 -23.90 -17.97
N PRO B 102 -1.91 -24.63 -19.09
CA PRO B 102 -1.72 -23.96 -20.39
C PRO B 102 -2.65 -22.78 -20.59
N ILE B 103 -3.92 -22.88 -20.18
CA ILE B 103 -4.84 -21.77 -20.36
C ILE B 103 -4.47 -20.63 -19.41
N ILE B 104 -4.08 -20.96 -18.19
CA ILE B 104 -3.67 -19.90 -17.26
C ILE B 104 -2.55 -19.08 -17.87
N ASP B 105 -1.54 -19.76 -18.41
CA ASP B 105 -0.42 -19.08 -19.05
C ASP B 105 -0.87 -18.29 -20.27
N GLN B 106 -1.69 -18.92 -21.14
CA GLN B 106 -2.17 -18.22 -22.33
C GLN B 106 -2.92 -16.95 -21.95
N LEU B 107 -3.75 -17.02 -20.91
CA LEU B 107 -4.52 -15.83 -20.53
C LEU B 107 -3.60 -14.74 -20.00
N ALA B 108 -2.53 -15.10 -19.29
CA ALA B 108 -1.58 -14.09 -18.85
C ALA B 108 -0.84 -13.49 -20.03
N GLU B 109 -0.49 -14.31 -21.02
CA GLU B 109 0.15 -13.76 -22.21
C GLU B 109 -0.79 -12.83 -22.96
N GLU B 110 -2.06 -13.22 -23.07
CA GLU B 110 -3.03 -12.40 -23.81
C GLU B 110 -3.39 -11.12 -23.07
N ALA B 111 -3.11 -11.05 -21.76
CA ALA B 111 -3.44 -9.83 -21.03
C ALA B 111 -2.54 -8.67 -21.44
N ARG B 112 -1.32 -8.98 -21.90
CA ARG B 112 -0.26 -7.98 -21.98
C ARG B 112 -0.62 -6.84 -22.92
N ALA B 113 -1.24 -7.13 -24.07
CA ALA B 113 -1.50 -6.08 -25.06
C ALA B 113 -2.45 -5.01 -24.54
N PHE B 114 -3.22 -5.30 -23.51
CA PHE B 114 -4.27 -4.37 -23.08
C PHE B 114 -3.83 -3.35 -22.06
N ASN B 115 -2.59 -3.40 -21.57
CA ASN B 115 -2.07 -2.42 -20.61
C ASN B 115 -3.03 -2.23 -19.45
N ARG B 116 -3.55 -3.34 -18.95
CA ARG B 116 -4.70 -3.35 -18.06
C ARG B 116 -4.23 -3.63 -16.63
N ILE B 117 -4.72 -2.85 -15.67
CA ILE B 117 -4.38 -3.11 -14.29
C ILE B 117 -5.65 -3.25 -13.47
N TYR B 118 -5.51 -3.96 -12.35
CA TYR B 118 -6.58 -4.26 -11.42
C TYR B 118 -6.34 -3.46 -10.15
N VAL B 119 -7.39 -2.80 -9.65
CA VAL B 119 -7.31 -1.98 -8.44
C VAL B 119 -8.41 -2.41 -7.50
N ALA B 120 -8.06 -2.67 -6.24
CA ALA B 120 -9.03 -3.13 -5.27
C ALA B 120 -8.84 -2.34 -3.99
N SER B 121 -9.69 -2.62 -2.99
CA SER B 121 -9.74 -1.85 -1.75
C SER B 121 -10.00 -0.37 -2.04
N VAL B 122 -10.84 -0.13 -3.05
CA VAL B 122 -11.30 1.21 -3.37
C VAL B 122 -12.42 1.57 -2.40
N HIS B 123 -12.22 2.62 -1.61
CA HIS B 123 -13.22 3.02 -0.62
C HIS B 123 -14.52 3.46 -1.30
N GLN B 124 -15.65 3.20 -0.62
CA GLN B 124 -16.95 3.52 -1.19
C GLN B 124 -17.06 4.99 -1.57
N ASP B 125 -16.42 5.88 -0.80
CA ASP B 125 -16.50 7.31 -1.05
C ASP B 125 -15.79 7.74 -2.33
N LEU B 126 -15.14 6.85 -3.05
CA LEU B 126 -14.41 7.22 -4.26
C LEU B 126 -15.17 6.78 -5.49
N SER B 127 -15.16 7.61 -6.52
CA SER B 127 -15.82 7.33 -7.79
C SER B 127 -14.79 6.96 -8.85
N ASP B 128 -15.31 6.52 -10.01
CA ASP B 128 -14.43 6.17 -11.13
C ASP B 128 -13.53 7.33 -11.51
N ASP B 129 -14.08 8.55 -11.58
CA ASP B 129 -13.27 9.70 -11.96
C ASP B 129 -12.25 10.05 -10.89
N ASP B 130 -12.59 9.89 -9.60
CA ASP B 130 -11.59 10.05 -8.55
C ASP B 130 -10.38 9.18 -8.82
N ILE B 131 -10.61 7.90 -9.09
CA ILE B 131 -9.53 6.95 -9.27
C ILE B 131 -8.73 7.30 -10.52
N LYS B 132 -9.41 7.66 -11.60
CA LYS B 132 -8.72 7.97 -12.85
C LYS B 132 -7.78 9.15 -12.68
N SER B 133 -8.20 10.19 -11.98
CA SER B 133 -7.35 11.37 -11.79
C SER B 133 -6.07 11.01 -11.05
N VAL B 134 -6.17 10.14 -10.05
CA VAL B 134 -4.97 9.68 -9.35
C VAL B 134 -4.12 8.84 -10.28
N PHE B 135 -4.74 7.90 -10.98
CA PHE B 135 -3.98 6.93 -11.76
C PHE B 135 -3.55 7.48 -13.11
N GLU B 136 -4.24 8.52 -13.62
CA GLU B 136 -3.81 9.11 -14.88
C GLU B 136 -2.53 9.91 -14.75
N ALA B 137 -2.01 10.06 -13.53
CA ALA B 137 -0.63 10.51 -13.34
C ALA B 137 0.35 9.69 -14.18
N PHE B 138 0.04 8.41 -14.39
CA PHE B 138 0.99 7.49 -15.00
C PHE B 138 0.93 7.50 -16.52
N GLY B 139 -0.14 8.02 -17.09
CA GLY B 139 -0.28 8.06 -18.53
C GLY B 139 -1.73 8.25 -18.91
N LYS B 140 -1.95 8.50 -20.20
CA LYS B 140 -3.30 8.60 -20.71
C LYS B 140 -4.02 7.28 -20.47
N ILE B 141 -5.23 7.37 -19.94
CA ILE B 141 -6.02 6.21 -19.57
C ILE B 141 -7.10 6.04 -20.62
N LYS B 142 -7.17 4.85 -21.22
CA LYS B 142 -8.26 4.58 -22.16
C LYS B 142 -9.56 4.29 -21.41
N SER B 143 -9.49 3.60 -20.26
CA SER B 143 -10.71 3.31 -19.51
C SER B 143 -10.37 3.21 -18.03
N CYS B 144 -11.31 3.63 -17.19
CA CYS B 144 -11.20 3.48 -15.75
C CYS B 144 -12.58 3.16 -15.21
N THR B 145 -12.86 1.87 -15.01
CA THR B 145 -14.18 1.41 -14.63
C THR B 145 -14.11 0.64 -13.33
N LEU B 146 -14.86 1.09 -12.34
CA LEU B 146 -15.10 0.32 -11.13
C LEU B 146 -16.27 -0.62 -11.34
N ALA B 147 -16.14 -1.84 -10.84
CA ALA B 147 -17.24 -2.80 -10.92
C ALA B 147 -18.43 -2.31 -10.10
N ARG B 148 -19.62 -2.51 -10.65
CA ARG B 148 -20.86 -2.02 -10.07
C ARG B 148 -21.76 -3.19 -9.71
N ASP B 149 -22.46 -3.06 -8.58
CA ASP B 149 -23.49 -4.02 -8.19
C ASP B 149 -24.79 -3.60 -8.87
N PRO B 150 -25.28 -4.33 -9.87
CA PRO B 150 -26.48 -3.87 -10.60
C PRO B 150 -27.70 -3.72 -9.70
N THR B 151 -27.75 -4.45 -8.59
CA THR B 151 -28.89 -4.34 -7.67
C THR B 151 -28.89 -2.99 -6.97
N THR B 152 -27.74 -2.54 -6.47
CA THR B 152 -27.68 -1.34 -5.65
C THR B 152 -27.20 -0.10 -6.38
N GLY B 153 -26.50 -0.27 -7.52
CA GLY B 153 -25.86 0.84 -8.19
C GLY B 153 -24.52 1.26 -7.61
N LYS B 154 -24.21 0.88 -6.38
CA LYS B 154 -22.92 1.19 -5.77
C LYS B 154 -21.81 0.34 -6.39
N HIS B 155 -20.57 0.79 -6.23
CA HIS B 155 -19.45 0.03 -6.76
C HIS B 155 -18.96 -0.99 -5.73
N LYS B 156 -18.22 -1.98 -6.21
CA LYS B 156 -17.84 -3.15 -5.42
C LYS B 156 -16.45 -3.05 -4.81
N GLY B 157 -15.82 -1.87 -4.86
CA GLY B 157 -14.52 -1.70 -4.27
C GLY B 157 -13.36 -2.10 -5.15
N TYR B 158 -13.60 -2.39 -6.42
CA TYR B 158 -12.53 -2.77 -7.31
C TYR B 158 -12.90 -2.37 -8.72
N GLY B 159 -11.90 -2.34 -9.57
CA GLY B 159 -12.16 -2.15 -10.97
C GLY B 159 -10.89 -2.31 -11.78
N PHE B 160 -10.96 -1.87 -13.03
CA PHE B 160 -9.86 -2.05 -13.95
C PHE B 160 -9.54 -0.74 -14.64
N ILE B 161 -8.26 -0.56 -14.92
CA ILE B 161 -7.79 0.60 -15.68
C ILE B 161 -6.98 0.10 -16.85
N GLU B 162 -7.28 0.60 -18.04
CA GLU B 162 -6.53 0.32 -19.25
C GLU B 162 -5.80 1.59 -19.64
N TYR B 163 -4.48 1.50 -19.77
CA TYR B 163 -3.68 2.64 -20.19
C TYR B 163 -3.43 2.57 -21.68
N GLU B 164 -3.23 3.74 -22.29
CA GLU B 164 -2.86 3.78 -23.70
C GLU B 164 -1.51 3.12 -23.93
N LYS B 165 -0.57 3.29 -22.99
CA LYS B 165 0.80 2.81 -23.15
C LYS B 165 1.12 1.76 -22.10
N ALA B 166 1.89 0.75 -22.51
CA ALA B 166 2.25 -0.36 -21.62
C ALA B 166 3.11 0.12 -20.46
N GLN B 167 4.04 1.04 -20.71
CA GLN B 167 4.88 1.53 -19.62
C GLN B 167 4.08 2.23 -18.55
N SER B 168 2.96 2.85 -18.93
CA SER B 168 2.10 3.51 -17.95
C SER B 168 1.47 2.49 -16.99
N SER B 169 1.02 1.34 -17.50
CA SER B 169 0.41 0.37 -16.60
C SER B 169 1.47 -0.24 -15.69
N GLN B 170 2.68 -0.45 -16.20
CA GLN B 170 3.75 -1.03 -15.38
C GLN B 170 4.14 -0.07 -14.25
N ASP B 171 4.22 1.22 -14.54
CA ASP B 171 4.55 2.20 -13.50
C ASP B 171 3.48 2.20 -12.42
N ALA B 172 2.21 2.23 -12.82
CA ALA B 172 1.11 2.31 -11.85
C ALA B 172 1.10 1.09 -10.93
N VAL B 173 1.24 -0.12 -11.51
CA VAL B 173 1.27 -1.31 -10.66
C VAL B 173 2.41 -1.23 -9.66
N SER B 174 3.57 -0.73 -10.11
CA SER B 174 4.76 -0.70 -9.26
C SER B 174 4.59 0.24 -8.08
N SER B 175 3.92 1.37 -8.28
CA SER B 175 3.90 2.40 -7.24
C SER B 175 2.60 2.48 -6.46
N MET B 176 1.48 1.97 -6.98
CA MET B 176 0.19 2.21 -6.34
CA MET B 176 0.17 2.20 -6.36
C MET B 176 -0.32 1.04 -5.50
N ASN B 177 0.33 -0.12 -5.53
CA ASN B 177 -0.07 -1.15 -4.58
C ASN B 177 0.29 -0.69 -3.16
N LEU B 178 -0.62 -0.97 -2.20
CA LEU B 178 -0.47 -0.56 -0.80
C LEU B 178 -0.22 0.94 -0.67
N PHE B 179 -0.92 1.70 -1.51
CA PHE B 179 -0.98 3.14 -1.49
C PHE B 179 -2.25 3.65 -0.82
N ASP B 180 -2.15 4.84 -0.20
CA ASP B 180 -3.20 5.45 0.62
C ASP B 180 -4.15 6.29 -0.20
N LEU B 181 -5.37 5.82 -0.38
CA LEU B 181 -6.33 6.69 -1.02
C LEU B 181 -7.67 6.50 -0.34
N GLY B 182 -8.30 7.61 0.05
CA GLY B 182 -9.56 7.53 0.76
C GLY B 182 -9.45 6.87 2.11
N GLY B 183 -8.30 7.00 2.78
CA GLY B 183 -8.12 6.42 4.08
C GLY B 183 -7.92 4.92 4.15
N GLN B 184 -7.71 4.25 3.03
CA GLN B 184 -7.35 2.84 3.08
C GLN B 184 -6.39 2.54 1.95
N TYR B 185 -5.76 1.39 2.05
CA TYR B 185 -4.64 1.03 1.18
C TYR B 185 -5.15 0.30 -0.05
N LEU B 186 -5.02 0.93 -1.21
CA LEU B 186 -5.33 0.25 -2.46
C LEU B 186 -4.49 -1.01 -2.61
N ARG B 187 -5.08 -2.02 -3.25
CA ARG B 187 -4.33 -3.16 -3.75
C ARG B 187 -4.34 -3.09 -5.27
N VAL B 188 -3.17 -3.17 -5.89
CA VAL B 188 -3.05 -2.98 -7.33
C VAL B 188 -2.19 -4.07 -7.93
N GLY B 189 -2.66 -4.65 -9.02
CA GLY B 189 -1.89 -5.65 -9.73
C GLY B 189 -2.16 -5.63 -11.21
N LYS B 190 -1.32 -6.37 -11.94
CA LYS B 190 -1.50 -6.50 -13.37
C LYS B 190 -2.69 -7.38 -13.67
N ALA B 191 -3.33 -7.11 -14.81
CA ALA B 191 -4.35 -8.03 -15.31
C ALA B 191 -3.71 -9.38 -15.65
N VAL B 192 -4.47 -10.44 -15.43
CA VAL B 192 -4.03 -11.80 -15.73
C VAL B 192 -4.87 -12.45 -16.80
N THR B 193 -5.80 -11.72 -17.41
CA THR B 193 -6.57 -12.15 -18.56
C THR B 193 -6.82 -10.91 -19.43
N PRO B 194 -7.10 -11.11 -20.71
CA PRO B 194 -7.70 -10.03 -21.49
C PRO B 194 -9.09 -9.72 -20.95
N PRO B 195 -9.64 -8.54 -21.26
CA PRO B 195 -10.94 -8.10 -20.71
C PRO B 195 -12.08 -9.10 -20.85
#